data_1KW9
#
_entry.id   1KW9
#
_cell.length_a   121.629
_cell.length_b   121.629
_cell.length_c   108.753
_cell.angle_alpha   90.00
_cell.angle_beta   90.00
_cell.angle_gamma   90.00
#
_symmetry.space_group_name_H-M   'I 4 2 2'
#
loop_
_entity.id
_entity.type
_entity.pdbx_description
1 polymer '2,3-Dihydroxybiphenyl dioxygenase'
2 non-polymer 'FE (II) ION'
3 non-polymer BIPHENYL-2,3-DIOL
4 water water
#
_entity_poly.entity_id   1
_entity_poly.type   'polypeptide(L)'
_entity_poly.pdbx_seq_one_letter_code
;SIERLGYLGFAVKDVPAWDHFLTKSVGLMAAGSAGDAALYRADQRAWRIAVQPGELDDLAYAGLEVDDAAALERMADKLR
QAGVAFTRGDEALMQQRKVMGLLCLQDPFGLPLEIYYGPAEIFHEPFLPSAPVSGFVTGDQGIGHFVRCVPDTAKAMAFY
TEVLGFVLSDIIDIQMGPETSVPAHFLHCNGRHHTIALAAFPIPKRIHHFMLQANTIDDVGYAFDRLDAAGRITSLLGRH
TNDQTLSFYADTPSPMIEVEFGWGPRTVDSSWTVARHSRTAMWGHKSVRGQR
;
_entity_poly.pdbx_strand_id   B
#
loop_
_chem_comp.id
_chem_comp.type
_chem_comp.name
_chem_comp.formula
BPY non-polymer BIPHENYL-2,3-DIOL 'C12 H10 O2'
FE2 non-polymer 'FE (II) ION' 'Fe 2'
#
# COMPACT_ATOMS: atom_id res chain seq x y z
N SER A 1 -7.82 2.17 16.86
CA SER A 1 -7.14 2.64 15.62
C SER A 1 -6.63 1.47 14.76
N ILE A 2 -6.53 1.72 13.45
CA ILE A 2 -5.91 0.80 12.52
C ILE A 2 -4.51 0.35 12.97
N GLU A 3 -4.27 -0.96 12.87
CA GLU A 3 -2.98 -1.51 13.27
C GLU A 3 -2.01 -1.61 12.09
N ARG A 4 -2.53 -1.90 10.90
CA ARG A 4 -1.67 -2.04 9.73
C ARG A 4 -2.49 -2.19 8.45
N LEU A 5 -1.83 -1.97 7.31
CA LEU A 5 -2.42 -2.18 5.99
C LEU A 5 -2.21 -3.65 5.66
N GLY A 6 -3.28 -4.39 5.40
CA GLY A 6 -3.19 -5.82 5.17
C GLY A 6 -3.38 -6.30 3.75
N TYR A 7 -4.17 -5.60 2.94
CA TYR A 7 -4.39 -6.03 1.58
C TYR A 7 -4.80 -4.90 0.64
N LEU A 8 -4.61 -5.16 -0.65
CA LEU A 8 -4.96 -4.21 -1.70
C LEU A 8 -5.66 -4.96 -2.81
N GLY A 9 -6.70 -4.33 -3.36
CA GLY A 9 -7.43 -4.88 -4.49
C GLY A 9 -7.38 -3.93 -5.67
N PHE A 10 -7.00 -4.41 -6.84
CA PHE A 10 -6.95 -3.56 -8.01
C PHE A 10 -7.98 -4.03 -9.05
N ALA A 11 -8.52 -3.07 -9.80
CA ALA A 11 -9.43 -3.32 -10.91
C ALA A 11 -8.73 -2.82 -12.15
N VAL A 12 -8.38 -3.71 -13.07
CA VAL A 12 -7.53 -3.35 -14.18
C VAL A 12 -8.03 -3.80 -15.55
N LYS A 13 -7.51 -3.15 -16.59
CA LYS A 13 -7.91 -3.46 -17.96
C LYS A 13 -7.15 -4.64 -18.54
N ASP A 14 -5.97 -4.93 -18.02
CA ASP A 14 -5.16 -6.03 -18.55
C ASP A 14 -4.71 -6.97 -17.43
N VAL A 15 -5.59 -7.91 -17.11
CA VAL A 15 -5.35 -8.85 -16.04
C VAL A 15 -4.12 -9.71 -16.33
N PRO A 16 -3.99 -10.26 -17.52
CA PRO A 16 -2.79 -11.04 -17.84
C PRO A 16 -1.49 -10.22 -17.69
N ALA A 17 -1.50 -8.95 -18.06
CA ALA A 17 -0.31 -8.13 -17.89
C ALA A 17 0.01 -7.96 -16.41
N TRP A 18 -1.02 -7.74 -15.60
CA TRP A 18 -0.84 -7.60 -14.16
C TRP A 18 -0.36 -8.90 -13.55
N ASP A 19 -0.88 -10.02 -14.04
CA ASP A 19 -0.49 -11.33 -13.54
C ASP A 19 1.02 -11.55 -13.76
N HIS A 20 1.48 -11.30 -14.97
CA HIS A 20 2.90 -11.46 -15.30
C HIS A 20 3.75 -10.49 -14.49
N PHE A 21 3.26 -9.25 -14.38
CA PHE A 21 3.94 -8.20 -13.63
C PHE A 21 4.16 -8.58 -12.16
N LEU A 22 3.09 -8.99 -11.48
CA LEU A 22 3.18 -9.33 -10.06
C LEU A 22 4.01 -10.58 -9.78
N THR A 23 3.97 -11.55 -10.69
CA THR A 23 4.69 -12.82 -10.50
C THR A 23 6.12 -12.80 -11.06
N LYS A 24 6.26 -12.77 -12.37
CA LYS A 24 7.57 -12.82 -13.02
C LYS A 24 8.47 -11.61 -12.73
N SER A 25 7.88 -10.42 -12.61
CA SER A 25 8.68 -9.23 -12.33
C SER A 25 8.84 -8.94 -10.83
N VAL A 26 7.73 -8.73 -10.13
CA VAL A 26 7.79 -8.41 -8.69
C VAL A 26 8.17 -9.62 -7.83
N GLY A 27 7.69 -10.80 -8.19
CA GLY A 27 8.03 -12.01 -7.47
C GLY A 27 6.97 -12.60 -6.58
N LEU A 28 5.77 -12.03 -6.57
CA LEU A 28 4.69 -12.57 -5.74
C LEU A 28 4.31 -13.97 -6.22
N MET A 29 3.65 -14.69 -5.34
CA MET A 29 3.22 -16.05 -5.62
C MET A 29 1.75 -16.06 -6.06
N ALA A 30 1.48 -16.68 -7.20
CA ALA A 30 0.09 -16.82 -7.66
C ALA A 30 -0.65 -17.69 -6.65
N ALA A 31 -1.85 -17.27 -6.24
CA ALA A 31 -2.58 -17.99 -5.19
C ALA A 31 -4.04 -18.27 -5.56
N GLY A 32 -4.25 -18.63 -6.82
CA GLY A 32 -5.58 -18.98 -7.29
C GLY A 32 -6.46 -17.79 -7.52
N SER A 33 -7.76 -17.99 -7.29
CA SER A 33 -8.73 -16.94 -7.52
C SER A 33 -9.89 -17.04 -6.55
N ALA A 34 -10.61 -15.94 -6.41
CA ALA A 34 -11.80 -15.82 -5.59
C ALA A 34 -12.76 -15.01 -6.44
N GLY A 35 -13.74 -15.70 -7.00
CA GLY A 35 -14.68 -15.04 -7.91
C GLY A 35 -13.92 -14.66 -9.17
N ASP A 36 -14.06 -13.42 -9.62
CA ASP A 36 -13.34 -13.01 -10.82
C ASP A 36 -12.01 -12.35 -10.46
N ALA A 37 -11.59 -12.46 -9.20
CA ALA A 37 -10.34 -11.88 -8.78
C ALA A 37 -9.21 -12.89 -8.70
N ALA A 38 -8.09 -12.56 -9.34
CA ALA A 38 -6.89 -13.35 -9.22
C ALA A 38 -6.20 -12.92 -7.92
N LEU A 39 -5.67 -13.90 -7.19
CA LEU A 39 -5.03 -13.65 -5.89
C LEU A 39 -3.53 -13.86 -5.92
N TYR A 40 -2.82 -13.05 -5.14
CA TYR A 40 -1.35 -13.09 -5.08
C TYR A 40 -0.90 -13.00 -3.63
N ARG A 41 0.13 -13.77 -3.31
CA ARG A 41 0.67 -13.82 -1.96
C ARG A 41 2.10 -13.27 -1.85
N ALA A 42 2.42 -12.75 -0.67
CA ALA A 42 3.76 -12.26 -0.37
C ALA A 42 4.31 -12.93 0.90
N ASP A 43 3.48 -13.71 1.58
CA ASP A 43 3.86 -14.34 2.83
C ASP A 43 2.83 -15.43 3.20
N GLN A 44 2.64 -15.65 4.49
CA GLN A 44 1.75 -16.72 4.97
C GLN A 44 0.25 -16.43 4.81
N ARG A 45 -0.11 -15.17 4.56
CA ARG A 45 -1.52 -14.84 4.36
C ARG A 45 -2.06 -15.53 3.11
N ALA A 46 -3.32 -15.92 3.13
CA ALA A 46 -3.96 -16.56 1.97
C ALA A 46 -3.85 -15.68 0.73
N TRP A 47 -3.88 -14.37 0.93
CA TRP A 47 -3.67 -13.44 -0.17
C TRP A 47 -3.31 -12.07 0.39
N ARG A 48 -2.64 -11.26 -0.44
CA ARG A 48 -2.26 -9.91 -0.07
C ARG A 48 -2.72 -8.90 -1.12
N ILE A 49 -2.69 -9.32 -2.38
CA ILE A 49 -3.09 -8.47 -3.48
C ILE A 49 -4.06 -9.23 -4.37
N ALA A 50 -5.15 -8.55 -4.72
CA ALA A 50 -6.17 -9.10 -5.61
C ALA A 50 -6.26 -8.25 -6.86
N VAL A 51 -6.43 -8.92 -7.99
CA VAL A 51 -6.55 -8.26 -9.29
C VAL A 51 -7.80 -8.76 -10.02
N GLN A 52 -8.71 -7.84 -10.35
CA GLN A 52 -9.93 -8.19 -11.05
C GLN A 52 -10.08 -7.30 -12.27
N PRO A 53 -10.80 -7.78 -13.30
CA PRO A 53 -10.98 -6.97 -14.51
C PRO A 53 -11.86 -5.77 -14.22
N GLY A 54 -11.52 -4.62 -14.79
CA GLY A 54 -12.30 -3.42 -14.60
C GLY A 54 -11.68 -2.25 -15.35
N GLU A 55 -12.52 -1.31 -15.80
CA GLU A 55 -12.04 -0.12 -16.51
C GLU A 55 -11.29 0.88 -15.63
N LEU A 56 -11.43 0.78 -14.31
CA LEU A 56 -10.77 1.73 -13.43
C LEU A 56 -9.26 1.83 -13.65
N ASP A 57 -8.60 0.68 -13.80
CA ASP A 57 -7.14 0.64 -13.88
C ASP A 57 -6.62 1.40 -12.66
N ASP A 58 -7.11 1.02 -11.49
CA ASP A 58 -6.76 1.73 -10.25
C ASP A 58 -6.99 0.83 -9.05
N LEU A 59 -6.62 1.33 -7.87
CA LEU A 59 -6.88 0.65 -6.62
C LEU A 59 -8.39 0.69 -6.38
N ALA A 60 -8.99 -0.49 -6.22
CA ALA A 60 -10.43 -0.64 -5.99
C ALA A 60 -10.79 -0.58 -4.50
N TYR A 61 -9.89 -1.07 -3.65
CA TYR A 61 -10.10 -1.04 -2.20
C TYR A 61 -8.80 -1.35 -1.46
N ALA A 62 -8.77 -0.97 -0.18
CA ALA A 62 -7.63 -1.24 0.68
C ALA A 62 -8.16 -1.84 1.98
N GLY A 63 -7.50 -2.90 2.45
CA GLY A 63 -7.91 -3.55 3.67
C GLY A 63 -7.09 -3.07 4.84
N LEU A 64 -7.77 -2.52 5.85
CA LEU A 64 -7.14 -2.00 7.05
C LEU A 64 -7.40 -2.93 8.22
N GLU A 65 -6.33 -3.47 8.79
CA GLU A 65 -6.42 -4.53 9.79
C GLU A 65 -6.40 -4.08 11.26
N VAL A 66 -7.19 -4.75 12.09
CA VAL A 66 -7.13 -4.54 13.54
C VAL A 66 -6.88 -5.92 14.15
N ASP A 67 -6.51 -5.98 15.43
CA ASP A 67 -6.05 -7.24 16.04
C ASP A 67 -7.10 -8.25 16.55
N ASP A 68 -8.34 -7.82 16.70
CA ASP A 68 -9.38 -8.70 17.27
C ASP A 68 -10.80 -8.17 17.06
N ALA A 69 -11.78 -8.99 17.44
CA ALA A 69 -13.19 -8.66 17.29
C ALA A 69 -13.57 -7.40 18.07
N ALA A 70 -13.09 -7.29 19.29
CA ALA A 70 -13.37 -6.13 20.12
C ALA A 70 -12.84 -4.85 19.45
N ALA A 71 -11.66 -4.94 18.87
CA ALA A 71 -11.05 -3.80 18.19
C ALA A 71 -11.92 -3.31 17.03
N LEU A 72 -12.51 -4.24 16.31
CA LEU A 72 -13.38 -3.93 15.18
C LEU A 72 -14.63 -3.20 15.67
N GLU A 73 -15.18 -3.63 16.79
CA GLU A 73 -16.35 -2.95 17.32
C GLU A 73 -15.99 -1.56 17.77
N ARG A 74 -14.79 -1.39 18.29
CA ARG A 74 -14.35 -0.06 18.72
C ARG A 74 -14.23 0.84 17.49
N MET A 75 -13.75 0.30 16.38
CA MET A 75 -13.65 1.09 15.15
C MET A 75 -15.05 1.47 14.64
N ALA A 76 -16.01 0.56 14.75
CA ALA A 76 -17.37 0.86 14.36
C ALA A 76 -17.87 2.05 15.21
N ASP A 77 -17.52 2.02 16.50
CA ASP A 77 -17.90 3.09 17.42
C ASP A 77 -17.29 4.41 17.00
N LYS A 78 -16.00 4.41 16.65
CA LYS A 78 -15.35 5.62 16.20
C LYS A 78 -16.02 6.18 14.92
N LEU A 79 -16.36 5.30 13.99
CA LEU A 79 -17.00 5.73 12.74
C LEU A 79 -18.36 6.39 13.02
N ARG A 80 -19.13 5.77 13.91
CA ARG A 80 -20.42 6.31 14.31
C ARG A 80 -20.25 7.68 14.93
N GLN A 81 -19.32 7.78 15.88
CA GLN A 81 -19.08 9.05 16.58
C GLN A 81 -18.61 10.14 15.62
N ALA A 82 -17.92 9.72 14.56
CA ALA A 82 -17.39 10.67 13.58
C ALA A 82 -18.40 10.98 12.48
N GLY A 83 -19.52 10.26 12.43
CA GLY A 83 -20.53 10.46 11.40
C GLY A 83 -20.14 9.89 10.05
N VAL A 84 -19.25 8.90 10.05
CA VAL A 84 -18.81 8.30 8.81
C VAL A 84 -19.65 7.07 8.54
N ALA A 85 -20.29 7.04 7.39
CA ALA A 85 -21.14 5.92 7.01
C ALA A 85 -20.34 4.64 6.75
N PHE A 86 -20.91 3.51 7.15
CA PHE A 86 -20.27 2.23 6.92
C PHE A 86 -21.34 1.15 6.95
N THR A 87 -21.01 0.01 6.34
CA THR A 87 -21.89 -1.15 6.37
C THR A 87 -21.05 -2.37 6.77
N ARG A 88 -21.64 -3.26 7.56
CA ARG A 88 -20.96 -4.48 7.95
C ARG A 88 -20.96 -5.46 6.79
N GLY A 89 -19.79 -6.00 6.47
CA GLY A 89 -19.72 -6.95 5.37
C GLY A 89 -20.53 -8.18 5.72
N ASP A 90 -21.28 -8.68 4.74
CA ASP A 90 -22.09 -9.87 4.94
C ASP A 90 -21.23 -11.14 4.82
N GLU A 91 -21.86 -12.27 5.07
CA GLU A 91 -21.17 -13.54 5.04
C GLU A 91 -20.45 -13.76 3.71
N ALA A 92 -21.10 -13.43 2.62
CA ALA A 92 -20.51 -13.64 1.30
C ALA A 92 -19.20 -12.84 1.16
N LEU A 93 -19.22 -11.59 1.62
CA LEU A 93 -18.04 -10.76 1.52
C LEU A 93 -16.93 -11.28 2.43
N MET A 94 -17.30 -11.68 3.65
CA MET A 94 -16.35 -12.24 4.60
C MET A 94 -15.66 -13.45 4.00
N GLN A 95 -16.41 -14.28 3.31
CA GLN A 95 -15.85 -15.49 2.69
C GLN A 95 -14.96 -15.11 1.51
N GLN A 96 -15.38 -14.11 0.76
CA GLN A 96 -14.61 -13.65 -0.37
C GLN A 96 -13.25 -13.12 0.10
N ARG A 97 -13.24 -12.28 1.14
CA ARG A 97 -12.00 -11.69 1.65
C ARG A 97 -11.18 -12.61 2.56
N LYS A 98 -11.82 -13.67 3.04
CA LYS A 98 -11.21 -14.63 3.97
C LYS A 98 -10.88 -13.95 5.30
N VAL A 99 -11.88 -13.29 5.88
CA VAL A 99 -11.72 -12.59 7.15
C VAL A 99 -12.91 -12.92 8.07
N MET A 100 -12.72 -12.70 9.36
CA MET A 100 -13.74 -13.04 10.37
C MET A 100 -14.78 -11.93 10.53
N GLY A 101 -14.47 -10.74 10.03
CA GLY A 101 -15.42 -9.63 10.13
C GLY A 101 -14.84 -8.40 9.48
N LEU A 102 -15.70 -7.56 8.91
CA LEU A 102 -15.23 -6.33 8.29
C LEU A 102 -16.30 -5.23 8.21
N LEU A 103 -15.81 -4.00 8.17
CA LEU A 103 -16.63 -2.81 8.02
C LEU A 103 -16.23 -2.19 6.69
N CYS A 104 -17.23 -1.85 5.87
CA CYS A 104 -17.02 -1.26 4.57
C CYS A 104 -17.39 0.23 4.60
N LEU A 105 -16.45 1.07 4.19
CA LEU A 105 -16.64 2.51 4.17
C LEU A 105 -15.79 3.09 3.04
N GLN A 106 -15.78 4.41 2.92
CA GLN A 106 -14.92 5.11 1.95
C GLN A 106 -14.22 6.27 2.62
N ASP A 107 -13.04 6.65 2.14
CA ASP A 107 -12.40 7.81 2.70
C ASP A 107 -13.12 9.02 2.09
N PRO A 108 -12.83 10.22 2.57
CA PRO A 108 -13.54 11.41 2.11
C PRO A 108 -13.58 11.63 0.62
N PHE A 109 -12.71 10.95 -0.14
CA PHE A 109 -12.66 11.14 -1.57
C PHE A 109 -12.96 9.91 -2.40
N GLY A 110 -13.73 8.97 -1.86
CA GLY A 110 -14.22 7.87 -2.65
C GLY A 110 -13.40 6.59 -2.68
N LEU A 111 -12.29 6.51 -1.96
CA LEU A 111 -11.53 5.26 -1.97
C LEU A 111 -12.20 4.28 -1.00
N PRO A 112 -12.68 3.14 -1.48
CA PRO A 112 -13.27 2.17 -0.56
C PRO A 112 -12.23 1.60 0.39
N LEU A 113 -12.57 1.59 1.68
CA LEU A 113 -11.73 1.02 2.71
C LEU A 113 -12.51 -0.08 3.42
N GLU A 114 -11.79 -1.13 3.81
CA GLU A 114 -12.37 -2.24 4.53
C GLU A 114 -11.55 -2.47 5.78
N ILE A 115 -12.17 -2.25 6.94
CA ILE A 115 -11.52 -2.50 8.23
C ILE A 115 -11.91 -3.90 8.65
N TYR A 116 -10.94 -4.76 8.92
CA TYR A 116 -11.23 -6.17 9.21
C TYR A 116 -10.36 -6.74 10.32
N TYR A 117 -10.69 -7.96 10.72
CA TYR A 117 -9.88 -8.71 11.67
C TYR A 117 -10.01 -10.18 11.30
N GLY A 118 -9.08 -10.98 11.80
CA GLY A 118 -9.07 -12.42 11.64
C GLY A 118 -8.83 -12.92 10.23
N PRO A 119 -7.72 -12.51 9.62
CA PRO A 119 -7.43 -12.95 8.24
C PRO A 119 -6.99 -14.40 8.20
N ALA A 120 -7.21 -15.05 7.06
CA ALA A 120 -6.81 -16.43 6.88
C ALA A 120 -5.30 -16.56 6.57
N GLU A 121 -4.65 -17.53 7.22
CA GLU A 121 -3.26 -17.85 6.96
C GLU A 121 -3.16 -19.30 6.47
N ILE A 122 -2.19 -19.60 5.63
CA ILE A 122 -2.04 -20.96 5.10
C ILE A 122 -0.59 -21.43 5.17
N PHE A 123 -0.12 -21.66 6.39
CA PHE A 123 1.25 -22.12 6.62
C PHE A 123 1.51 -23.49 6.02
N HIS A 124 0.45 -24.24 5.72
CA HIS A 124 0.62 -25.57 5.11
C HIS A 124 0.94 -25.46 3.62
N GLU A 125 0.84 -24.24 3.09
CA GLU A 125 1.21 -23.95 1.70
C GLU A 125 2.23 -22.81 1.75
N PRO A 126 3.44 -23.14 2.18
CA PRO A 126 4.46 -22.13 2.40
C PRO A 126 4.71 -21.26 1.16
N PHE A 127 4.93 -19.97 1.40
CA PHE A 127 5.17 -18.99 0.34
C PHE A 127 6.34 -19.38 -0.55
N LEU A 128 6.14 -19.27 -1.86
CA LEU A 128 7.18 -19.57 -2.84
C LEU A 128 7.11 -18.47 -3.88
N PRO A 129 8.11 -17.62 -3.94
CA PRO A 129 8.07 -16.52 -4.91
C PRO A 129 8.14 -17.02 -6.35
N SER A 130 7.60 -16.23 -7.28
CA SER A 130 7.58 -16.56 -8.70
C SER A 130 8.83 -16.02 -9.40
N ALA A 131 9.61 -15.23 -8.67
CA ALA A 131 10.85 -14.67 -9.18
C ALA A 131 11.83 -14.65 -8.01
N PRO A 132 13.13 -14.52 -8.26
CA PRO A 132 14.12 -14.51 -7.18
C PRO A 132 14.01 -13.33 -6.20
N VAL A 133 13.39 -13.60 -5.05
CA VAL A 133 13.27 -12.64 -3.97
C VAL A 133 13.33 -13.47 -2.71
N SER A 134 14.24 -13.13 -1.79
CA SER A 134 14.41 -13.88 -0.55
C SER A 134 13.16 -13.84 0.33
N GLY A 135 12.35 -12.79 0.19
CA GLY A 135 11.15 -12.63 0.97
C GLY A 135 10.80 -11.15 1.12
N PHE A 136 9.62 -10.90 1.67
CA PHE A 136 9.13 -9.56 1.90
C PHE A 136 9.00 -9.28 3.39
N VAL A 137 9.13 -8.01 3.74
CA VAL A 137 8.98 -7.58 5.10
C VAL A 137 7.52 -7.18 5.30
N THR A 138 6.81 -8.00 6.05
CA THR A 138 5.41 -7.74 6.34
C THR A 138 5.19 -7.80 7.84
N GLY A 139 4.63 -8.91 8.32
CA GLY A 139 4.38 -9.07 9.75
C GLY A 139 3.56 -7.93 10.33
N ASP A 140 4.00 -7.45 11.49
CA ASP A 140 3.25 -6.41 12.20
C ASP A 140 3.21 -5.09 11.43
N GLN A 141 4.11 -4.92 10.46
CA GLN A 141 4.13 -3.71 9.65
C GLN A 141 3.23 -3.76 8.42
N GLY A 142 2.52 -4.87 8.24
CA GLY A 142 1.60 -4.99 7.12
C GLY A 142 2.31 -5.20 5.79
N ILE A 143 1.53 -5.13 4.71
CA ILE A 143 2.01 -5.45 3.38
C ILE A 143 2.96 -4.44 2.76
N GLY A 144 2.85 -3.17 3.14
CA GLY A 144 3.66 -2.12 2.57
C GLY A 144 3.00 -0.78 2.74
N HIS A 145 3.15 0.09 1.75
CA HIS A 145 2.47 1.39 1.80
C HIS A 145 1.92 1.79 0.46
N PHE A 146 1.15 2.86 0.46
CA PHE A 146 0.71 3.46 -0.78
C PHE A 146 0.56 4.96 -0.58
N VAL A 147 0.73 5.68 -1.68
CA VAL A 147 0.55 7.14 -1.68
C VAL A 147 -0.83 7.43 -2.23
N ARG A 148 -1.67 7.99 -1.37
CA ARG A 148 -3.03 8.35 -1.67
C ARG A 148 -3.11 9.78 -2.22
N CYS A 149 -3.63 9.91 -3.42
CA CYS A 149 -3.82 11.22 -4.04
C CYS A 149 -5.11 11.79 -3.47
N VAL A 150 -5.06 13.05 -3.05
CA VAL A 150 -6.23 13.72 -2.50
C VAL A 150 -6.29 15.16 -3.00
N PRO A 151 -7.49 15.70 -3.13
CA PRO A 151 -7.69 17.10 -3.53
C PRO A 151 -7.54 18.10 -2.40
N ASP A 152 -7.61 17.61 -1.17
CA ASP A 152 -7.57 18.45 0.02
C ASP A 152 -6.84 17.69 1.11
N THR A 153 -5.55 17.97 1.27
CA THR A 153 -4.72 17.28 2.23
C THR A 153 -5.16 17.48 3.69
N ALA A 154 -5.58 18.70 4.02
CA ALA A 154 -6.05 18.99 5.37
C ALA A 154 -7.24 18.11 5.72
N LYS A 155 -8.21 18.03 4.81
CA LYS A 155 -9.39 17.24 5.02
C LYS A 155 -9.01 15.75 5.12
N ALA A 156 -8.11 15.31 4.26
CA ALA A 156 -7.71 13.91 4.28
C ALA A 156 -7.00 13.59 5.61
N MET A 157 -6.14 14.48 6.06
CA MET A 157 -5.40 14.34 7.31
C MET A 157 -6.30 14.18 8.53
N ALA A 158 -7.36 14.98 8.59
CA ALA A 158 -8.30 14.92 9.70
C ALA A 158 -8.97 13.55 9.78
N PHE A 159 -9.36 13.01 8.64
CA PHE A 159 -9.99 11.70 8.57
C PHE A 159 -9.03 10.58 8.96
N TYR A 160 -7.88 10.51 8.31
CA TYR A 160 -6.92 9.43 8.58
C TYR A 160 -6.35 9.47 10.00
N THR A 161 -6.14 10.66 10.54
CA THR A 161 -5.60 10.77 11.90
C THR A 161 -6.70 10.70 12.97
N GLU A 162 -7.68 11.58 12.87
CA GLU A 162 -8.74 11.67 13.89
C GLU A 162 -9.70 10.50 13.90
N VAL A 163 -10.03 9.95 12.74
CA VAL A 163 -10.96 8.85 12.66
C VAL A 163 -10.25 7.49 12.69
N LEU A 164 -9.27 7.28 11.82
CA LEU A 164 -8.61 5.99 11.71
C LEU A 164 -7.41 5.79 12.63
N GLY A 165 -6.89 6.87 13.21
CA GLY A 165 -5.81 6.75 14.17
C GLY A 165 -4.39 6.71 13.61
N PHE A 166 -4.21 7.04 12.34
CA PHE A 166 -2.87 7.16 11.80
C PHE A 166 -2.19 8.37 12.45
N VAL A 167 -0.87 8.41 12.39
CA VAL A 167 -0.09 9.48 13.00
C VAL A 167 0.93 10.00 12.00
N LEU A 168 1.07 11.32 11.96
CA LEU A 168 2.01 11.97 11.06
C LEU A 168 3.47 11.67 11.43
N SER A 169 4.23 11.19 10.45
CA SER A 169 5.66 10.94 10.63
C SER A 169 6.42 12.19 10.23
N ASP A 170 6.20 12.64 9.01
CA ASP A 170 6.86 13.84 8.51
C ASP A 170 6.23 14.34 7.23
N ILE A 171 6.79 15.44 6.73
CA ILE A 171 6.30 16.08 5.52
C ILE A 171 7.49 16.31 4.60
N ILE A 172 7.26 16.06 3.32
CA ILE A 172 8.22 16.41 2.28
C ILE A 172 7.54 17.34 1.26
N ASP A 173 8.20 18.45 0.96
CA ASP A 173 7.71 19.36 -0.06
C ASP A 173 8.27 18.85 -1.38
N ILE A 174 7.43 18.15 -2.11
CA ILE A 174 7.82 17.56 -3.38
C ILE A 174 7.71 18.59 -4.48
N GLN A 175 8.83 18.96 -5.06
CA GLN A 175 8.88 19.98 -6.10
C GLN A 175 8.15 19.48 -7.34
N MET A 176 7.22 20.30 -7.83
CA MET A 176 6.45 19.97 -9.02
C MET A 176 6.91 20.82 -10.20
N GLY A 177 7.19 22.10 -9.93
CA GLY A 177 7.64 23.02 -10.96
C GLY A 177 8.69 23.95 -10.42
N PRO A 178 9.07 24.96 -11.20
CA PRO A 178 10.15 25.87 -10.79
C PRO A 178 9.84 26.54 -9.46
N GLU A 179 8.57 26.88 -9.26
CA GLU A 179 8.15 27.51 -8.02
C GLU A 179 6.85 26.87 -7.49
N THR A 180 6.77 25.54 -7.60
CA THR A 180 5.59 24.82 -7.14
C THR A 180 5.96 23.50 -6.49
N SER A 181 5.45 23.26 -5.29
CA SER A 181 5.70 21.99 -4.60
C SER A 181 4.43 21.53 -3.90
N VAL A 182 4.35 20.23 -3.64
CA VAL A 182 3.20 19.63 -2.96
C VAL A 182 3.67 19.07 -1.62
N PRO A 183 3.04 19.47 -0.53
CA PRO A 183 3.43 19.00 0.80
C PRO A 183 2.85 17.60 1.06
N ALA A 184 3.65 16.57 0.78
CA ALA A 184 3.23 15.19 1.00
C ALA A 184 3.33 14.85 2.49
N HIS A 185 2.25 14.31 3.07
CA HIS A 185 2.23 13.96 4.49
C HIS A 185 2.35 12.44 4.64
N PHE A 186 3.35 11.97 5.38
CA PHE A 186 3.58 10.54 5.53
C PHE A 186 3.07 10.09 6.91
N LEU A 187 2.16 9.12 6.90
CA LEU A 187 1.48 8.64 8.11
C LEU A 187 1.80 7.20 8.48
N HIS A 188 1.99 6.97 9.78
CA HIS A 188 2.22 5.63 10.29
C HIS A 188 1.10 5.16 11.21
N CYS A 189 1.01 3.85 11.39
CA CYS A 189 0.06 3.26 12.32
C CYS A 189 0.72 2.07 13.02
N ASN A 190 2.04 1.97 12.85
CA ASN A 190 2.85 0.92 13.45
C ASN A 190 4.32 1.30 13.21
N GLY A 191 5.24 0.34 13.30
CA GLY A 191 6.65 0.62 13.11
C GLY A 191 7.09 1.05 11.71
N ARG A 192 6.28 0.75 10.70
CA ARG A 192 6.61 1.13 9.32
C ARG A 192 6.55 2.64 9.20
N HIS A 193 7.66 3.25 8.79
CA HIS A 193 7.74 4.72 8.74
C HIS A 193 6.45 5.32 8.19
N HIS A 194 5.95 4.79 7.09
CA HIS A 194 4.62 5.17 6.65
C HIS A 194 3.92 4.02 5.97
N THR A 195 2.60 3.99 6.17
CA THR A 195 1.72 3.01 5.57
C THR A 195 0.85 3.71 4.51
N ILE A 196 0.55 4.99 4.78
CA ILE A 196 -0.17 5.81 3.83
C ILE A 196 0.44 7.21 3.81
N ALA A 197 0.68 7.73 2.61
CA ALA A 197 1.12 9.10 2.45
C ALA A 197 -0.01 9.82 1.72
N LEU A 198 -0.24 11.08 2.08
CA LEU A 198 -1.28 11.89 1.48
C LEU A 198 -0.63 13.01 0.67
N ALA A 199 -1.05 13.21 -0.57
CA ALA A 199 -0.45 14.23 -1.42
C ALA A 199 -1.42 14.77 -2.45
N ALA A 200 -1.45 16.08 -2.66
CA ALA A 200 -2.34 16.68 -3.64
C ALA A 200 -1.67 16.72 -5.01
N PHE A 201 -1.43 15.55 -5.60
CA PHE A 201 -0.79 15.47 -6.90
C PHE A 201 -1.82 15.65 -8.01
N PRO A 202 -1.44 16.24 -9.14
CA PRO A 202 -2.35 16.35 -10.28
C PRO A 202 -2.39 15.15 -11.21
N ILE A 203 -2.62 13.96 -10.66
CA ILE A 203 -2.79 12.79 -11.47
C ILE A 203 -4.20 12.30 -11.25
N PRO A 204 -4.74 11.68 -12.28
CA PRO A 204 -6.11 11.19 -12.24
C PRO A 204 -6.27 9.80 -11.63
N LYS A 205 -5.43 9.42 -10.67
CA LYS A 205 -5.51 8.10 -10.06
C LYS A 205 -5.75 8.24 -8.57
N ARG A 206 -6.34 7.21 -7.96
CA ARG A 206 -6.58 7.23 -6.52
C ARG A 206 -5.25 7.20 -5.76
N ILE A 207 -4.28 6.50 -6.34
CA ILE A 207 -2.95 6.38 -5.75
C ILE A 207 -1.89 6.66 -6.80
N HIS A 208 -0.73 7.08 -6.32
CA HIS A 208 0.44 7.36 -7.14
C HIS A 208 1.26 6.08 -7.30
N HIS A 209 1.35 5.32 -6.22
CA HIS A 209 2.03 4.03 -6.23
C HIS A 209 1.73 3.21 -4.99
N PHE A 210 2.03 1.92 -5.04
CA PHE A 210 2.04 1.08 -3.84
C PHE A 210 3.49 0.61 -3.71
N MET A 211 3.89 0.27 -2.48
CA MET A 211 5.25 -0.16 -2.21
C MET A 211 5.32 -1.50 -1.47
N LEU A 212 6.29 -2.32 -1.87
CA LEU A 212 6.58 -3.58 -1.19
C LEU A 212 8.04 -3.51 -0.75
N GLN A 213 8.33 -4.10 0.41
CA GLN A 213 9.67 -4.07 0.98
C GLN A 213 10.22 -5.49 1.00
N ALA A 214 11.40 -5.67 0.41
CA ALA A 214 12.07 -6.97 0.37
C ALA A 214 13.11 -7.07 1.50
N ASN A 215 13.55 -8.30 1.76
CA ASN A 215 14.47 -8.60 2.85
C ASN A 215 15.92 -8.12 2.64
N THR A 216 16.40 -8.09 1.39
CA THR A 216 17.79 -7.74 1.12
C THR A 216 17.99 -6.70 0.01
N ILE A 217 19.19 -6.12 -0.02
CA ILE A 217 19.53 -5.14 -1.03
C ILE A 217 19.60 -5.83 -2.38
N ASP A 218 20.08 -7.06 -2.39
CA ASP A 218 20.14 -7.83 -3.65
C ASP A 218 18.76 -8.08 -4.20
N ASP A 219 17.79 -8.30 -3.32
CA ASP A 219 16.41 -8.47 -3.75
C ASP A 219 16.02 -7.29 -4.63
N VAL A 220 16.34 -6.09 -4.15
CA VAL A 220 16.02 -4.85 -4.87
C VAL A 220 16.81 -4.72 -6.18
N GLY A 221 18.10 -5.02 -6.12
CA GLY A 221 18.96 -4.94 -7.28
C GLY A 221 18.50 -5.86 -8.40
N TYR A 222 18.18 -7.10 -8.03
CA TYR A 222 17.69 -8.08 -8.98
C TYR A 222 16.33 -7.67 -9.57
N ALA A 223 15.42 -7.19 -8.73
CA ALA A 223 14.10 -6.76 -9.18
C ALA A 223 14.22 -5.60 -10.18
N PHE A 224 15.19 -4.71 -9.97
CA PHE A 224 15.40 -3.61 -10.89
C PHE A 224 15.68 -4.12 -12.30
N ASP A 225 16.58 -5.10 -12.40
CA ASP A 225 16.94 -5.66 -13.69
C ASP A 225 15.76 -6.35 -14.34
N ARG A 226 14.95 -7.05 -13.54
CA ARG A 226 13.76 -7.70 -14.07
C ARG A 226 12.81 -6.67 -14.64
N LEU A 227 12.52 -5.61 -13.88
CA LEU A 227 11.59 -4.59 -14.35
C LEU A 227 12.18 -3.80 -15.52
N ASP A 228 13.51 -3.71 -15.57
CA ASP A 228 14.16 -2.99 -16.66
C ASP A 228 14.03 -3.81 -17.96
N ALA A 229 14.18 -5.13 -17.84
CA ALA A 229 14.03 -6.02 -18.99
C ALA A 229 12.60 -5.90 -19.53
N ALA A 230 11.65 -5.62 -18.64
CA ALA A 230 10.25 -5.45 -19.03
C ALA A 230 9.97 -4.04 -19.55
N GLY A 231 10.96 -3.17 -19.51
CA GLY A 231 10.81 -1.80 -19.98
C GLY A 231 9.95 -0.90 -19.10
N ARG A 232 9.91 -1.20 -17.80
CA ARG A 232 9.03 -0.48 -16.87
C ARG A 232 9.69 0.48 -15.87
N ILE A 233 11.01 0.58 -15.86
CA ILE A 233 11.68 1.44 -14.88
C ILE A 233 11.31 2.92 -15.02
N THR A 234 10.96 3.56 -13.89
CA THR A 234 10.65 4.99 -13.89
C THR A 234 11.65 5.79 -13.05
N SER A 235 12.43 5.11 -12.21
CA SER A 235 13.48 5.78 -11.46
C SER A 235 14.68 4.89 -11.27
N LEU A 236 15.85 5.50 -11.16
CA LEU A 236 17.04 4.76 -10.80
C LEU A 236 16.95 4.46 -9.32
N LEU A 237 17.84 3.60 -8.86
CA LEU A 237 17.92 3.30 -7.44
C LEU A 237 18.17 4.60 -6.68
N GLY A 238 17.65 4.64 -5.47
CA GLY A 238 17.82 5.80 -4.62
C GLY A 238 17.42 5.50 -3.19
N ARG A 239 17.61 6.47 -2.30
CA ARG A 239 17.27 6.30 -0.92
C ARG A 239 16.52 7.53 -0.43
N HIS A 240 15.38 7.30 0.23
CA HIS A 240 14.53 8.40 0.68
C HIS A 240 15.09 9.14 1.88
N THR A 241 14.78 10.44 1.92
CA THR A 241 15.20 11.30 3.02
C THR A 241 14.52 10.96 4.32
N ASN A 242 13.24 10.64 4.26
CA ASN A 242 12.46 10.43 5.48
C ASN A 242 12.50 9.03 6.06
N ASP A 243 12.20 8.01 5.27
CA ASP A 243 12.23 6.66 5.83
C ASP A 243 13.54 5.91 5.58
N GLN A 244 14.40 6.47 4.73
CA GLN A 244 15.69 5.85 4.41
C GLN A 244 15.51 4.51 3.70
N THR A 245 14.35 4.33 3.07
CA THR A 245 14.15 3.14 2.23
C THR A 245 15.01 3.28 0.99
N LEU A 246 15.72 2.24 0.63
CA LEU A 246 16.49 2.19 -0.61
C LEU A 246 15.61 1.45 -1.63
N SER A 247 15.22 2.15 -2.69
CA SER A 247 14.28 1.62 -3.64
C SER A 247 14.43 2.13 -5.06
N PHE A 248 13.55 1.62 -5.93
CA PHE A 248 13.38 2.13 -7.29
C PHE A 248 11.88 2.06 -7.58
N TYR A 249 11.44 2.80 -8.59
CA TYR A 249 10.05 2.82 -9.00
C TYR A 249 9.94 2.26 -10.41
N ALA A 250 8.78 1.71 -10.73
CA ALA A 250 8.49 1.19 -12.06
C ALA A 250 6.99 1.32 -12.34
N ASP A 251 6.63 1.36 -13.62
CA ASP A 251 5.22 1.41 -13.99
C ASP A 251 4.56 0.06 -13.83
N THR A 252 3.32 0.05 -13.33
CA THR A 252 2.51 -1.15 -13.35
C THR A 252 1.85 -1.09 -14.73
N PRO A 253 1.11 -2.13 -15.13
CA PRO A 253 0.38 -2.09 -16.40
C PRO A 253 -0.76 -1.05 -16.42
N SER A 254 -1.13 -0.50 -15.27
CA SER A 254 -2.17 0.54 -15.26
C SER A 254 -1.50 1.91 -15.38
N PRO A 255 -1.82 2.66 -16.43
CA PRO A 255 -1.20 3.98 -16.64
C PRO A 255 -1.24 4.88 -15.44
N MET A 256 -0.09 5.47 -15.13
CA MET A 256 0.10 6.44 -14.05
C MET A 256 0.11 5.87 -12.63
N ILE A 257 0.04 4.55 -12.50
CA ILE A 257 0.21 3.92 -11.20
C ILE A 257 1.55 3.19 -11.26
N GLU A 258 2.39 3.50 -10.29
CA GLU A 258 3.69 2.87 -10.18
C GLU A 258 3.76 1.89 -9.01
N VAL A 259 4.84 1.12 -9.01
CA VAL A 259 5.18 0.25 -7.90
C VAL A 259 6.54 0.71 -7.43
N GLU A 260 6.75 0.65 -6.12
CA GLU A 260 8.04 0.95 -5.51
C GLU A 260 8.48 -0.35 -4.83
N PHE A 261 9.73 -0.73 -5.05
CA PHE A 261 10.30 -1.98 -4.53
C PHE A 261 11.54 -1.55 -3.75
N GLY A 262 11.52 -1.74 -2.44
CA GLY A 262 12.59 -1.23 -1.60
C GLY A 262 13.10 -2.12 -0.48
N TRP A 263 14.11 -1.61 0.22
CA TRP A 263 14.76 -2.30 1.32
C TRP A 263 15.34 -1.33 2.35
N GLY A 264 15.50 -1.84 3.58
CA GLY A 264 16.26 -1.18 4.65
C GLY A 264 15.90 0.19 5.22
N PRO A 265 14.63 0.50 5.39
CA PRO A 265 14.29 1.80 5.98
C PRO A 265 14.43 1.84 7.50
N ARG A 266 14.33 3.05 8.05
CA ARG A 266 14.26 3.23 9.48
C ARG A 266 12.83 2.89 9.87
N THR A 267 12.63 2.57 11.15
CA THR A 267 11.30 2.29 11.68
C THR A 267 11.00 3.31 12.76
N VAL A 268 9.73 3.44 13.11
CA VAL A 268 9.33 4.41 14.09
C VAL A 268 8.84 3.79 15.36
N ASP A 269 8.89 4.58 16.42
CA ASP A 269 8.36 4.19 17.72
C ASP A 269 7.83 5.45 18.40
N SER A 270 7.37 5.29 19.64
CA SER A 270 6.76 6.37 20.42
C SER A 270 7.59 7.64 20.52
N SER A 271 8.90 7.53 20.36
CA SER A 271 9.76 8.70 20.45
C SER A 271 10.00 9.41 19.11
N TRP A 272 9.17 9.11 18.11
CA TRP A 272 9.35 9.74 16.80
C TRP A 272 9.06 11.25 16.82
N THR A 273 9.87 12.00 16.06
CA THR A 273 9.75 13.46 15.97
C THR A 273 9.36 13.93 14.57
N VAL A 274 8.32 14.76 14.49
CA VAL A 274 7.89 15.28 13.19
C VAL A 274 8.96 16.22 12.63
N ALA A 275 9.30 16.04 11.36
CA ALA A 275 10.29 16.88 10.70
C ALA A 275 9.84 17.19 9.27
N ARG A 276 10.53 18.12 8.62
CA ARG A 276 10.21 18.49 7.26
C ARG A 276 11.43 18.35 6.36
N HIS A 277 11.22 17.89 5.14
CA HIS A 277 12.28 17.68 4.17
C HIS A 277 11.93 18.41 2.87
N SER A 278 12.96 18.88 2.17
CA SER A 278 12.76 19.59 0.92
C SER A 278 12.93 18.71 -0.32
N ARG A 279 13.37 17.46 -0.11
CA ARG A 279 13.59 16.51 -1.21
C ARG A 279 13.08 15.12 -0.81
N THR A 280 12.70 14.30 -1.80
CA THR A 280 12.25 12.95 -1.53
C THR A 280 13.41 11.98 -1.41
N ALA A 281 14.54 12.33 -2.02
CA ALA A 281 15.69 11.45 -2.01
C ALA A 281 16.94 12.05 -1.38
N MET A 282 17.58 11.30 -0.49
CA MET A 282 18.86 11.73 0.04
C MET A 282 19.90 11.55 -1.06
N TRP A 283 19.72 10.50 -1.85
CA TRP A 283 20.53 10.27 -3.03
C TRP A 283 19.76 9.42 -4.04
N GLY A 284 20.15 9.51 -5.30
CA GLY A 284 19.55 8.71 -6.36
C GLY A 284 18.11 9.06 -6.74
N HIS A 285 17.39 8.05 -7.19
CA HIS A 285 16.01 8.18 -7.62
C HIS A 285 15.82 9.11 -8.82
N LYS A 286 16.86 9.29 -9.63
CA LYS A 286 16.71 10.09 -10.83
C LYS A 286 15.56 9.54 -11.69
N SER A 287 14.69 10.41 -12.19
CA SER A 287 13.57 9.99 -13.04
C SER A 287 14.10 9.55 -14.40
N VAL A 288 13.56 8.45 -14.91
CA VAL A 288 13.96 7.98 -16.23
C VAL A 288 12.72 7.71 -17.07
FE FE2 B . 6.76 5.26 -1.48
CK1 BPY C . 8.85 10.05 -0.83
CK2 BPY C . 8.10 9.24 -1.73
CK3 BPY C . 7.87 7.88 -1.40
CK4 BPY C . 8.34 7.32 -0.21
CK5 BPY C . 9.09 8.12 0.68
CK6 BPY C . 9.34 9.48 0.39
CK7 BPY C . 7.56 9.77 -2.94
CK8 BPY C . 6.14 9.87 -3.11
CK9 BPY C . 5.62 10.39 -4.33
CKA BPY C . 6.48 10.81 -5.37
CKB BPY C . 7.89 10.73 -5.19
CKC BPY C . 8.41 10.21 -3.97
OK1 BPY C . 8.09 5.99 0.06
OK2 BPY C . 7.17 7.08 -2.27
#